data_7HB0
#
_entry.id   7HB0
#
_cell.length_a   66.177
_cell.length_b   89.549
_cell.length_c   100.432
_cell.angle_alpha   90.000
_cell.angle_beta   90.000
_cell.angle_gamma   90.000
#
_symmetry.space_group_name_H-M   'I 2 2 2'
#
loop_
_entity.id
_entity.type
_entity.pdbx_description
1 polymer 'Heat shock protein HSP 90-alpha'
2 non-polymer 2-[(oxan-4-yl)oxy]aniline
3 water water
#
_entity_poly.entity_id   1
_entity_poly.type   'polypeptide(L)'
_entity_poly.pdbx_seq_one_letter_code
;MDQPMEEEEVETFAFQAEIAQLMSLIINTFYSNKEIFLRELISNSSDALDKIRYESLTDPSKLDSGKELHINLIPNKQDR
TLTIVDTGIGMTKADLINNLGTIAKSGTKAFMEALQAGADISMIGQFGVGFYSAYLVAEKVTVITKHNDDEQYAWESSAG
GSFTVRTDTGEPMGRGTKVILHLKEDQTEYLEERRIKEIVKKHSQFIGYPITLFVEKERDKEVSDDEAELEHHHHHH
;
_entity_poly.pdbx_strand_id   A
#
loop_
_chem_comp.id
_chem_comp.type
_chem_comp.name
_chem_comp.formula
A1AYK non-polymer 2-[(oxan-4-yl)oxy]aniline 'C11 H15 N O2'
#
# COMPACT_ATOMS: atom_id res chain seq x y z
N GLU A 9 -1.03 22.54 -7.39
CA GLU A 9 0.28 22.74 -6.78
C GLU A 9 0.87 21.39 -6.34
N VAL A 10 1.97 20.98 -6.97
CA VAL A 10 2.54 19.64 -6.80
C VAL A 10 3.96 19.81 -6.28
N GLU A 11 4.27 19.10 -5.19
CA GLU A 11 5.62 19.11 -4.62
C GLU A 11 6.33 17.83 -5.02
N THR A 12 7.56 17.94 -5.54
CA THR A 12 8.35 16.80 -5.95
C THR A 12 9.50 16.60 -4.98
N PHE A 13 9.70 15.36 -4.55
CA PHE A 13 10.66 15.00 -3.52
C PHE A 13 11.58 13.90 -4.05
N ALA A 14 12.84 13.90 -3.60
CA ALA A 14 13.72 12.79 -3.86
C ALA A 14 13.56 11.72 -2.79
N PHE A 15 13.50 10.45 -3.21
CA PHE A 15 13.62 9.40 -2.20
C PHE A 15 14.97 9.49 -1.52
N GLN A 16 14.99 9.15 -0.22
CA GLN A 16 16.28 8.85 0.39
C GLN A 16 17.01 7.76 -0.40
N ALA A 17 18.35 7.87 -0.43
CA ALA A 17 19.13 6.97 -1.30
C ALA A 17 18.82 5.51 -1.02
N GLU A 18 18.68 5.15 0.27
CA GLU A 18 18.43 3.76 0.62
C GLU A 18 17.07 3.27 0.12
N ILE A 19 16.07 4.13 0.07
CA ILE A 19 14.76 3.73 -0.43
C ILE A 19 14.78 3.61 -1.95
N ALA A 20 15.50 4.50 -2.63
CA ALA A 20 15.69 4.35 -4.07
C ALA A 20 16.35 3.02 -4.39
N GLN A 21 17.31 2.62 -3.57
CA GLN A 21 18.00 1.35 -3.80
C GLN A 21 17.06 0.19 -3.57
N LEU A 22 16.24 0.25 -2.51
CA LEU A 22 15.22 -0.78 -2.28
C LEU A 22 14.29 -0.91 -3.48
N MET A 23 13.80 0.21 -4.00
CA MET A 23 12.86 0.12 -5.10
C MET A 23 13.51 -0.44 -6.36
N SER A 24 14.75 -0.03 -6.66
CA SER A 24 15.37 -0.58 -7.86
C SER A 24 15.65 -2.08 -7.70
N LEU A 25 15.98 -2.54 -6.48
CA LEU A 25 16.12 -3.98 -6.27
C LEU A 25 14.81 -4.72 -6.55
N ILE A 26 13.71 -4.17 -6.05
CA ILE A 26 12.41 -4.80 -6.25
C ILE A 26 12.06 -4.84 -7.73
N ILE A 27 12.39 -3.78 -8.46
CA ILE A 27 12.03 -3.69 -9.87
C ILE A 27 12.92 -4.58 -10.73
N ASN A 28 14.20 -4.69 -10.38
CA ASN A 28 15.18 -5.31 -11.27
C ASN A 28 15.50 -6.76 -10.96
N THR A 29 15.27 -7.22 -9.74
CA THR A 29 15.64 -8.60 -9.41
C THR A 29 14.70 -9.58 -10.10
N PHE A 30 15.27 -10.62 -10.73
CA PHE A 30 14.43 -11.71 -11.21
C PHE A 30 13.84 -12.46 -10.03
N TYR A 31 12.51 -12.48 -9.94
CA TYR A 31 11.85 -13.08 -8.79
C TYR A 31 10.39 -13.37 -9.17
N SER A 32 10.04 -14.65 -9.32
CA SER A 32 8.77 -14.98 -9.96
C SER A 32 7.56 -14.87 -9.03
N ASN A 33 7.76 -14.96 -7.72
CA ASN A 33 6.64 -15.05 -6.76
C ASN A 33 6.08 -13.66 -6.44
N LYS A 34 5.57 -12.99 -7.49
CA LYS A 34 5.18 -11.60 -7.36
C LYS A 34 3.89 -11.42 -6.57
N GLU A 35 3.08 -12.48 -6.46
CA GLU A 35 1.75 -12.34 -5.89
C GLU A 35 1.76 -11.89 -4.43
N ILE A 36 2.90 -12.01 -3.73
CA ILE A 36 2.96 -11.59 -2.34
C ILE A 36 2.75 -10.10 -2.17
N PHE A 37 2.77 -9.29 -3.24
CA PHE A 37 2.49 -7.86 -3.06
C PHE A 37 1.12 -7.66 -2.40
N LEU A 38 0.14 -8.48 -2.77
CA LEU A 38 -1.21 -8.25 -2.27
C LEU A 38 -1.28 -8.56 -0.78
N ARG A 39 -0.63 -9.64 -0.35
CA ARG A 39 -0.58 -9.96 1.08
C ARG A 39 0.02 -8.80 1.86
N GLU A 40 1.09 -8.21 1.33
CA GLU A 40 1.76 -7.12 2.05
C GLU A 40 0.86 -5.90 2.16
N LEU A 41 0.16 -5.56 1.09
CA LEU A 41 -0.71 -4.38 1.16
C LEU A 41 -1.92 -4.62 2.05
N ILE A 42 -2.47 -5.83 2.01
CA ILE A 42 -3.59 -6.14 2.89
C ILE A 42 -3.13 -6.12 4.35
N SER A 43 -1.91 -6.59 4.62
CA SER A 43 -1.44 -6.58 5.98
C SER A 43 -1.21 -5.13 6.46
N ASN A 44 -0.68 -4.27 5.58
CA ASN A 44 -0.59 -2.84 5.91
C ASN A 44 -1.97 -2.26 6.24
N SER A 45 -2.98 -2.59 5.44
CA SER A 45 -4.32 -2.10 5.71
C SER A 45 -4.83 -2.60 7.05
N SER A 46 -4.60 -3.89 7.35
CA SER A 46 -5.02 -4.42 8.64
C SER A 46 -4.34 -3.69 9.79
N ASP A 47 -3.03 -3.43 9.68
CA ASP A 47 -2.33 -2.66 10.71
C ASP A 47 -2.94 -1.27 10.90
N ALA A 48 -3.33 -0.61 9.79
CA ALA A 48 -3.93 0.73 9.87
C ALA A 48 -5.31 0.67 10.52
N LEU A 49 -6.09 -0.37 10.21
CA LEU A 49 -7.38 -0.54 10.85
C LEU A 49 -7.23 -0.82 12.35
N ASP A 50 -6.25 -1.66 12.73
CA ASP A 50 -5.97 -1.88 14.16
C ASP A 50 -5.71 -0.56 14.88
N LYS A 51 -4.98 0.35 14.23
CA LYS A 51 -4.60 1.59 14.90
C LYS A 51 -5.82 2.46 15.19
N ILE A 52 -6.70 2.64 14.22
CA ILE A 52 -7.87 3.50 14.48
C ILE A 52 -8.83 2.79 15.43
N ARG A 53 -8.92 1.45 15.37
CA ARG A 53 -9.75 0.75 16.35
C ARG A 53 -9.25 0.97 17.76
N TYR A 54 -7.93 0.88 17.97
CA TYR A 54 -7.39 1.08 19.30
C TYR A 54 -7.66 2.50 19.78
N GLU A 55 -7.48 3.50 18.91
CA GLU A 55 -7.77 4.88 19.32
C GLU A 55 -9.23 5.06 19.71
N SER A 56 -10.14 4.41 18.98
CA SER A 56 -11.56 4.55 19.26
C SER A 56 -11.96 3.90 20.58
N LEU A 57 -11.15 2.99 21.13
CA LEU A 57 -11.53 2.35 22.38
C LEU A 57 -11.67 3.34 23.50
N THR A 58 -10.90 4.42 23.47
CA THR A 58 -10.97 5.44 24.50
C THR A 58 -11.56 6.75 24.02
N ASP A 59 -11.72 6.94 22.71
CA ASP A 59 -12.32 8.16 22.18
C ASP A 59 -13.22 7.77 21.00
N PRO A 60 -14.51 7.53 21.25
CA PRO A 60 -15.39 7.10 20.16
C PRO A 60 -15.49 8.09 19.03
N SER A 61 -15.28 9.38 19.29
CA SER A 61 -15.38 10.38 18.22
C SER A 61 -14.31 10.18 17.15
N LYS A 62 -13.27 9.38 17.41
CA LYS A 62 -12.29 9.07 16.38
C LYS A 62 -12.94 8.40 15.17
N LEU A 63 -14.12 7.80 15.34
CA LEU A 63 -14.82 7.15 14.25
C LEU A 63 -15.92 8.02 13.67
N ASP A 64 -15.95 9.31 14.01
CA ASP A 64 -16.95 10.18 13.38
C ASP A 64 -16.73 10.28 11.88
N SER A 65 -15.51 10.06 11.43
CA SER A 65 -15.13 10.06 10.02
C SER A 65 -15.47 8.75 9.32
N GLY A 66 -16.08 7.79 10.02
CA GLY A 66 -16.57 6.56 9.43
C GLY A 66 -16.49 5.40 10.42
N LYS A 67 -17.62 4.77 10.75
CA LYS A 67 -17.60 3.68 11.71
C LYS A 67 -17.17 2.34 11.10
N GLU A 68 -17.31 2.15 9.80
CA GLU A 68 -17.01 0.84 9.25
C GLU A 68 -15.51 0.63 9.11
N LEU A 69 -15.05 -0.57 9.45
CA LEU A 69 -13.63 -0.93 9.40
C LEU A 69 -13.49 -2.08 8.41
N HIS A 70 -13.00 -1.81 7.20
CA HIS A 70 -12.99 -2.85 6.18
C HIS A 70 -11.91 -2.59 5.14
N ILE A 71 -11.76 -3.58 4.25
CA ILE A 71 -10.79 -3.57 3.16
C ILE A 71 -11.53 -3.94 1.88
N ASN A 72 -11.42 -3.09 0.86
CA ASN A 72 -12.02 -3.38 -0.45
C ASN A 72 -10.93 -3.55 -1.50
N LEU A 73 -11.13 -4.52 -2.40
CA LEU A 73 -10.23 -4.77 -3.52
C LEU A 73 -11.00 -4.48 -4.79
N ILE A 74 -10.55 -3.49 -5.56
CA ILE A 74 -11.30 -3.00 -6.71
C ILE A 74 -10.43 -3.11 -7.96
N PRO A 75 -10.63 -4.15 -8.77
CA PRO A 75 -9.95 -4.22 -10.06
C PRO A 75 -10.71 -3.43 -11.11
N ASN A 76 -9.94 -2.84 -12.04
CA ASN A 76 -10.52 -2.10 -13.15
C ASN A 76 -9.73 -2.41 -14.41
N LYS A 77 -10.30 -3.23 -15.29
CA LYS A 77 -9.54 -3.67 -16.47
C LYS A 77 -9.41 -2.55 -17.49
N GLN A 78 -10.38 -1.63 -17.55
CA GLN A 78 -10.29 -0.53 -18.52
C GLN A 78 -9.14 0.41 -18.18
N ASP A 79 -8.95 0.73 -16.90
CA ASP A 79 -7.86 1.58 -16.45
C ASP A 79 -6.59 0.80 -16.19
N ARG A 80 -6.69 -0.53 -16.14
CA ARG A 80 -5.59 -1.43 -15.76
C ARG A 80 -5.05 -1.07 -14.38
N THR A 81 -5.96 -0.98 -13.42
CA THR A 81 -5.60 -0.65 -12.05
C THR A 81 -6.21 -1.65 -11.08
N LEU A 82 -5.48 -1.92 -10.01
CA LEU A 82 -6.00 -2.64 -8.86
C LEU A 82 -5.89 -1.70 -7.68
N THR A 83 -7.01 -1.42 -7.02
CA THR A 83 -7.03 -0.48 -5.90
C THR A 83 -7.34 -1.23 -4.61
N ILE A 84 -6.51 -1.02 -3.59
CA ILE A 84 -6.72 -1.58 -2.25
C ILE A 84 -7.19 -0.42 -1.37
N VAL A 85 -8.44 -0.48 -0.88
CA VAL A 85 -9.03 0.58 -0.07
C VAL A 85 -9.19 0.07 1.35
N ASP A 86 -8.78 0.88 2.33
CA ASP A 86 -9.08 0.56 3.73
C ASP A 86 -9.58 1.82 4.42
N THR A 87 -10.30 1.62 5.51
CA THR A 87 -10.83 2.72 6.32
C THR A 87 -10.05 2.80 7.63
N GLY A 88 -8.73 2.56 7.54
CA GLY A 88 -7.89 2.63 8.71
C GLY A 88 -7.57 4.04 9.14
N ILE A 89 -6.49 4.18 9.92
CA ILE A 89 -6.19 5.47 10.52
C ILE A 89 -5.74 6.52 9.50
N GLY A 90 -5.28 6.11 8.32
CA GLY A 90 -4.79 7.06 7.32
C GLY A 90 -3.42 7.61 7.68
N MET A 91 -2.95 8.53 6.85
CA MET A 91 -1.64 9.13 7.10
C MET A 91 -1.73 10.63 6.92
N THR A 92 -1.02 11.37 7.76
CA THR A 92 -0.85 12.82 7.55
C THR A 92 0.11 13.09 6.40
N LYS A 93 0.16 14.36 5.97
CA LYS A 93 1.13 14.74 4.94
C LYS A 93 2.54 14.40 5.37
N ALA A 94 2.88 14.70 6.64
CA ALA A 94 4.22 14.40 7.16
C ALA A 94 4.50 12.90 7.09
N ASP A 95 3.52 12.08 7.48
CA ASP A 95 3.63 10.62 7.35
C ASP A 95 3.94 10.20 5.91
N LEU A 96 3.18 10.71 4.94
CA LEU A 96 3.41 10.35 3.55
C LEU A 96 4.85 10.64 3.14
N ILE A 97 5.31 11.86 3.42
CA ILE A 97 6.66 12.25 3.00
C ILE A 97 7.70 11.39 3.68
N ASN A 98 7.47 11.06 4.95
CA ASN A 98 8.37 10.23 5.74
C ASN A 98 8.11 8.74 5.46
N ASN A 99 8.25 8.38 4.17
CA ASN A 99 8.20 7.00 3.70
C ASN A 99 6.91 6.28 4.11
N LEU A 100 5.78 6.96 3.90
CA LEU A 100 4.46 6.38 4.12
C LEU A 100 4.36 5.73 5.50
N GLY A 101 4.81 6.46 6.52
CA GLY A 101 4.66 5.99 7.89
C GLY A 101 5.54 4.84 8.30
N THR A 102 6.60 4.54 7.54
CA THR A 102 7.49 3.42 7.83
C THR A 102 8.84 3.92 8.31
N ILE A 103 9.58 3.04 8.98
CA ILE A 103 10.98 3.33 9.29
C ILE A 103 11.83 2.73 8.17
N ALA A 104 11.66 3.27 6.96
CA ALA A 104 12.13 2.55 5.77
C ALA A 104 13.65 2.54 5.66
N LYS A 105 14.34 3.52 6.24
CA LYS A 105 15.80 3.50 6.15
C LYS A 105 16.38 2.32 6.91
N SER A 106 16.01 2.16 8.19
CA SER A 106 16.56 1.03 8.93
C SER A 106 15.96 -0.30 8.46
N GLY A 107 14.70 -0.29 7.98
CA GLY A 107 14.11 -1.52 7.48
C GLY A 107 14.79 -2.00 6.21
N THR A 108 15.11 -1.08 5.30
CA THR A 108 15.84 -1.46 4.09
C THR A 108 17.20 -2.04 4.44
N LYS A 109 17.92 -1.40 5.35
CA LYS A 109 19.21 -1.90 5.78
C LYS A 109 19.12 -3.35 6.22
N ALA A 110 18.19 -3.66 7.12
CA ALA A 110 18.03 -5.03 7.60
C ALA A 110 17.63 -5.97 6.47
N PHE A 111 16.69 -5.54 5.62
CA PHE A 111 16.21 -6.41 4.55
C PHE A 111 17.36 -6.80 3.61
N MET A 112 18.22 -5.87 3.25
CA MET A 112 19.26 -6.19 2.27
C MET A 112 20.36 -7.05 2.88
N GLU A 113 20.61 -6.90 4.18
CA GLU A 113 21.50 -7.83 4.86
C GLU A 113 20.89 -9.23 4.88
N ALA A 114 19.58 -9.32 5.10
CA ALA A 114 18.92 -10.62 5.11
C ALA A 114 18.98 -11.27 3.75
N LEU A 115 18.84 -10.48 2.68
CA LEU A 115 18.82 -11.04 1.33
C LEU A 115 20.17 -11.65 0.97
N GLN A 116 21.26 -10.97 1.30
CA GLN A 116 22.57 -11.55 1.06
C GLN A 116 22.86 -12.73 1.98
N ALA A 117 22.05 -12.91 3.03
CA ALA A 117 22.24 -13.98 4.00
C ALA A 117 21.15 -15.06 3.93
N GLY A 118 20.56 -15.25 2.75
CA GLY A 118 19.69 -16.38 2.49
C GLY A 118 18.25 -16.02 2.17
N ALA A 119 17.76 -14.89 2.68
CA ALA A 119 16.36 -14.51 2.56
C ALA A 119 15.98 -14.23 1.11
N ASP A 120 14.67 -14.15 0.87
CA ASP A 120 14.14 -13.80 -0.43
C ASP A 120 13.14 -12.66 -0.27
N ILE A 121 12.71 -12.13 -1.42
CA ILE A 121 11.90 -10.90 -1.43
C ILE A 121 10.57 -11.09 -0.74
N SER A 122 10.06 -12.32 -0.70
CA SER A 122 8.77 -12.56 -0.02
C SER A 122 8.82 -12.23 1.47
N MET A 123 10.00 -12.14 2.08
CA MET A 123 10.04 -11.82 3.50
C MET A 123 10.11 -10.32 3.78
N ILE A 124 9.86 -9.50 2.75
CA ILE A 124 10.00 -8.04 2.88
C ILE A 124 9.17 -7.48 4.04
N GLY A 125 7.98 -8.03 4.29
CA GLY A 125 7.11 -7.52 5.33
C GLY A 125 7.69 -7.64 6.72
N GLN A 126 8.59 -8.60 6.94
CA GLN A 126 9.22 -8.73 8.24
C GLN A 126 10.14 -7.56 8.56
N PHE A 127 10.44 -6.71 7.57
CA PHE A 127 11.34 -5.59 7.75
C PHE A 127 10.61 -4.26 7.65
N GLY A 128 9.27 -4.30 7.63
CA GLY A 128 8.49 -3.08 7.76
C GLY A 128 8.43 -2.23 6.52
N VAL A 129 8.83 -2.75 5.36
CA VAL A 129 8.84 -1.98 4.11
C VAL A 129 8.03 -2.72 3.02
N GLY A 130 7.04 -3.49 3.46
CA GLY A 130 6.22 -4.28 2.55
C GLY A 130 5.46 -3.46 1.51
N PHE A 131 5.20 -2.17 1.80
CA PHE A 131 4.51 -1.33 0.82
C PHE A 131 5.23 -1.35 -0.53
N TYR A 132 6.57 -1.30 -0.50
CA TYR A 132 7.31 -1.12 -1.76
C TYR A 132 7.25 -2.37 -2.64
N SER A 133 6.77 -3.50 -2.11
CA SER A 133 6.51 -4.66 -2.95
C SER A 133 5.44 -4.39 -3.99
N ALA A 134 4.68 -3.30 -3.85
CA ALA A 134 3.80 -2.87 -4.94
C ALA A 134 4.51 -2.81 -6.28
N TYR A 135 5.81 -2.43 -6.29
CA TYR A 135 6.53 -2.25 -7.55
C TYR A 135 6.96 -3.58 -8.18
N LEU A 136 6.62 -4.70 -7.56
CA LEU A 136 6.72 -5.99 -8.25
C LEU A 136 5.74 -6.09 -9.40
N VAL A 137 4.59 -5.41 -9.30
CA VAL A 137 3.54 -5.53 -10.31
C VAL A 137 3.11 -4.20 -10.90
N ALA A 138 3.41 -3.06 -10.29
CA ALA A 138 2.91 -1.77 -10.73
C ALA A 138 4.03 -0.95 -11.34
N GLU A 139 3.76 -0.30 -12.47
CA GLU A 139 4.71 0.68 -12.98
C GLU A 139 4.57 2.04 -12.28
N LYS A 140 3.41 2.30 -11.69
CA LYS A 140 3.16 3.54 -10.98
C LYS A 140 2.23 3.21 -9.82
N VAL A 141 2.44 3.87 -8.70
CA VAL A 141 1.56 3.68 -7.54
C VAL A 141 1.09 5.05 -7.08
N THR A 142 -0.22 5.19 -6.88
CA THR A 142 -0.84 6.39 -6.32
C THR A 142 -1.42 6.04 -4.95
N VAL A 143 -1.13 6.84 -3.94
CA VAL A 143 -1.67 6.60 -2.60
C VAL A 143 -2.50 7.83 -2.23
N ILE A 144 -3.80 7.62 -2.00
CA ILE A 144 -4.69 8.69 -1.55
C ILE A 144 -5.00 8.40 -0.09
N THR A 145 -4.91 9.42 0.76
CA THR A 145 -5.03 9.13 2.19
C THR A 145 -5.67 10.31 2.92
N LYS A 146 -6.40 9.98 3.98
CA LYS A 146 -7.06 10.95 4.84
C LYS A 146 -6.95 10.49 6.29
N HIS A 147 -6.27 11.28 7.10
CA HIS A 147 -6.12 11.05 8.52
C HIS A 147 -7.00 12.07 9.24
N ASN A 148 -7.55 11.70 10.41
CA ASN A 148 -8.43 12.63 11.13
C ASN A 148 -7.77 14.00 11.38
N ASP A 149 -6.45 14.03 11.55
CA ASP A 149 -5.74 15.25 11.92
C ASP A 149 -5.20 16.05 10.74
N ASP A 150 -5.48 15.66 9.49
CA ASP A 150 -4.94 16.37 8.33
C ASP A 150 -5.98 16.37 7.19
N GLU A 151 -5.61 17.00 6.08
CA GLU A 151 -6.43 17.03 4.89
C GLU A 151 -6.13 15.80 4.01
N GLN A 152 -6.91 15.66 2.93
CA GLN A 152 -6.72 14.54 2.01
C GLN A 152 -5.61 14.83 1.01
N TYR A 153 -4.67 13.89 0.91
CA TYR A 153 -3.48 14.06 0.08
C TYR A 153 -3.31 12.88 -0.87
N ALA A 154 -2.65 13.15 -2.00
CA ALA A 154 -2.26 12.13 -2.98
C ALA A 154 -0.74 12.08 -3.11
N TRP A 155 -0.18 10.89 -2.85
CA TRP A 155 1.23 10.57 -3.10
C TRP A 155 1.32 9.78 -4.39
N GLU A 156 2.40 9.99 -5.16
CA GLU A 156 2.54 9.21 -6.39
C GLU A 156 3.99 9.02 -6.75
N SER A 157 4.32 7.83 -7.25
CA SER A 157 5.68 7.59 -7.75
C SER A 157 5.69 6.52 -8.82
N SER A 158 6.46 6.78 -9.87
CA SER A 158 6.81 5.76 -10.86
C SER A 158 8.23 5.26 -10.64
N ALA A 159 8.71 5.33 -9.40
CA ALA A 159 10.11 5.02 -9.05
C ALA A 159 11.00 6.03 -9.79
N GLY A 160 12.18 5.66 -10.26
CA GLY A 160 13.02 6.68 -10.86
C GLY A 160 13.60 7.72 -9.92
N GLY A 161 13.46 7.51 -8.62
CA GLY A 161 14.15 8.32 -7.63
C GLY A 161 13.35 9.46 -7.03
N SER A 162 12.09 9.64 -7.42
CA SER A 162 11.33 10.79 -6.94
C SER A 162 9.87 10.39 -6.71
N PHE A 163 9.20 11.15 -5.85
CA PHE A 163 7.75 11.01 -5.64
C PHE A 163 7.14 12.41 -5.57
N THR A 164 5.83 12.49 -5.81
CA THR A 164 5.12 13.76 -5.66
C THR A 164 4.06 13.66 -4.58
N VAL A 165 3.73 14.81 -4.00
CA VAL A 165 2.65 14.94 -3.04
C VAL A 165 1.85 16.16 -3.40
N ARG A 166 0.52 16.01 -3.41
CA ARG A 166 -0.34 17.14 -3.70
C ARG A 166 -1.62 17.00 -2.89
N THR A 167 -2.28 18.12 -2.64
CA THR A 167 -3.62 18.04 -2.08
C THR A 167 -4.53 17.34 -3.08
N ASP A 168 -5.36 16.42 -2.59
CA ASP A 168 -6.23 15.65 -3.46
C ASP A 168 -7.58 16.34 -3.61
N THR A 169 -7.97 16.61 -4.84
CA THR A 169 -9.28 17.19 -5.13
C THR A 169 -10.31 16.15 -5.53
N GLY A 170 -9.92 14.88 -5.59
CA GLY A 170 -10.83 13.80 -5.96
C GLY A 170 -11.93 13.55 -4.96
N GLU A 171 -12.60 12.42 -5.11
CA GLU A 171 -13.69 12.01 -4.24
C GLU A 171 -13.22 11.99 -2.79
N PRO A 172 -13.87 12.72 -1.87
CA PRO A 172 -13.46 12.68 -0.46
C PRO A 172 -13.61 11.28 0.12
N MET A 173 -12.67 10.90 1.00
CA MET A 173 -12.64 9.54 1.53
C MET A 173 -13.17 9.39 2.95
N GLY A 174 -13.25 10.46 3.72
CA GLY A 174 -13.70 10.31 5.09
C GLY A 174 -12.54 10.02 6.02
N ARG A 175 -11.96 8.82 5.88
CA ARG A 175 -10.77 8.42 6.62
C ARG A 175 -10.24 7.13 6.02
N GLY A 176 -8.92 7.04 5.90
CA GLY A 176 -8.31 5.79 5.47
C GLY A 176 -7.33 5.99 4.36
N THR A 177 -7.02 4.90 3.65
CA THR A 177 -6.02 4.96 2.59
C THR A 177 -6.47 4.14 1.41
N LYS A 178 -6.14 4.65 0.21
CA LYS A 178 -6.39 3.97 -1.06
C LYS A 178 -5.06 3.81 -1.78
N VAL A 179 -4.65 2.57 -2.09
CA VAL A 179 -3.43 2.31 -2.87
C VAL A 179 -3.87 1.90 -4.26
N ILE A 180 -3.55 2.73 -5.26
CA ILE A 180 -3.92 2.49 -6.64
C ILE A 180 -2.69 1.96 -7.37
N LEU A 181 -2.76 0.70 -7.83
CA LEU A 181 -1.65 0.07 -8.54
C LEU A 181 -1.92 0.18 -10.04
N HIS A 182 -1.10 0.96 -10.75
CA HIS A 182 -1.18 1.02 -12.21
C HIS A 182 -0.30 -0.10 -12.73
N LEU A 183 -0.94 -1.20 -13.14
CA LEU A 183 -0.23 -2.45 -13.32
C LEU A 183 0.62 -2.44 -14.58
N LYS A 184 1.75 -3.15 -14.50
CA LYS A 184 2.57 -3.42 -15.69
C LYS A 184 1.76 -4.22 -16.70
N GLU A 185 2.11 -4.04 -17.98
CA GLU A 185 1.36 -4.65 -19.07
C GLU A 185 1.26 -6.16 -18.96
N ASP A 186 2.30 -6.82 -18.44
CA ASP A 186 2.33 -8.27 -18.35
C ASP A 186 1.88 -8.79 -16.98
N GLN A 187 1.28 -7.95 -16.15
CA GLN A 187 0.85 -8.34 -14.81
C GLN A 187 -0.67 -8.21 -14.67
N THR A 188 -1.41 -8.29 -15.77
CA THR A 188 -2.86 -8.10 -15.67
C THR A 188 -3.59 -9.32 -15.11
N GLU A 189 -2.90 -10.41 -14.79
CA GLU A 189 -3.57 -11.50 -14.09
C GLU A 189 -4.12 -11.06 -12.75
N TYR A 190 -3.54 -10.04 -12.14
CA TYR A 190 -4.01 -9.61 -10.83
C TYR A 190 -5.26 -8.75 -10.91
N LEU A 191 -5.87 -8.61 -12.09
CA LEU A 191 -7.19 -8.04 -12.25
C LEU A 191 -8.27 -9.12 -12.40
N GLU A 192 -7.89 -10.38 -12.52
CA GLU A 192 -8.87 -11.45 -12.74
C GLU A 192 -9.39 -11.95 -11.40
N GLU A 193 -10.71 -12.08 -11.33
CA GLU A 193 -11.37 -12.40 -10.08
C GLU A 193 -10.83 -13.70 -9.47
N ARG A 194 -10.65 -14.74 -10.29
CA ARG A 194 -10.28 -16.01 -9.69
C ARG A 194 -8.85 -15.99 -9.16
N ARG A 195 -7.98 -15.19 -9.79
CA ARG A 195 -6.60 -15.05 -9.32
C ARG A 195 -6.55 -14.27 -8.02
N ILE A 196 -7.31 -13.18 -7.92
CA ILE A 196 -7.32 -12.41 -6.67
C ILE A 196 -7.89 -13.24 -5.53
N LYS A 197 -9.01 -13.96 -5.77
CA LYS A 197 -9.55 -14.79 -4.68
C LYS A 197 -8.55 -15.83 -4.23
N GLU A 198 -7.85 -16.47 -5.18
CA GLU A 198 -6.84 -17.46 -4.82
C GLU A 198 -5.78 -16.88 -3.89
N ILE A 199 -5.31 -15.67 -4.21
CA ILE A 199 -4.24 -15.06 -3.43
C ILE A 199 -4.72 -14.69 -2.05
N VAL A 200 -5.93 -14.12 -1.96
CA VAL A 200 -6.48 -13.77 -0.65
C VAL A 200 -6.65 -15.01 0.20
N LYS A 201 -7.15 -16.10 -0.39
CA LYS A 201 -7.35 -17.32 0.39
C LYS A 201 -6.01 -17.91 0.83
N LYS A 202 -4.99 -17.81 -0.03
CA LYS A 202 -3.70 -18.42 0.27
C LYS A 202 -2.94 -17.66 1.36
N HIS A 203 -2.96 -16.33 1.32
CA HIS A 203 -2.07 -15.51 2.13
C HIS A 203 -2.74 -14.62 3.15
N SER A 204 -4.06 -14.42 3.10
CA SER A 204 -4.71 -13.43 3.95
C SER A 204 -5.92 -14.02 4.68
N GLN A 205 -5.88 -15.33 4.97
CA GLN A 205 -7.08 -15.99 5.48
C GLN A 205 -7.40 -15.61 6.93
N PHE A 206 -6.44 -15.10 7.70
CA PHE A 206 -6.68 -14.72 9.08
C PHE A 206 -6.66 -13.20 9.30
N ILE A 207 -6.87 -12.41 8.25
CA ILE A 207 -7.04 -10.97 8.43
C ILE A 207 -8.39 -10.69 9.09
N GLY A 208 -8.40 -9.90 10.17
CA GLY A 208 -9.57 -9.75 11.01
C GLY A 208 -10.55 -8.66 10.61
N TYR A 209 -10.64 -8.39 9.31
CA TYR A 209 -11.53 -7.37 8.77
C TYR A 209 -12.14 -7.92 7.51
N PRO A 210 -13.37 -7.53 7.17
CA PRO A 210 -13.97 -8.01 5.92
C PRO A 210 -13.20 -7.49 4.71
N ILE A 211 -12.85 -8.41 3.81
CA ILE A 211 -12.17 -8.10 2.56
C ILE A 211 -13.16 -8.38 1.44
N THR A 212 -13.55 -7.33 0.72
CA THR A 212 -14.58 -7.46 -0.29
C THR A 212 -13.93 -7.28 -1.65
N LEU A 213 -14.01 -8.30 -2.49
CA LEU A 213 -13.51 -8.23 -3.86
C LEU A 213 -14.66 -7.75 -4.75
N PHE A 214 -14.55 -6.53 -5.26
CA PHE A 214 -15.55 -5.99 -6.17
C PHE A 214 -15.47 -6.72 -7.50
N VAL A 215 -16.61 -6.85 -8.17
CA VAL A 215 -16.64 -7.43 -9.52
C VAL A 215 -16.84 -6.31 -10.54
N GLU A 216 -16.62 -6.61 -11.81
CA GLU A 216 -16.73 -5.59 -12.84
C GLU A 216 -17.89 -5.88 -13.78
N LYS A 217 -18.49 -4.79 -14.28
CA LYS A 217 -19.52 -4.82 -15.32
C LYS A 217 -19.22 -5.87 -16.40
C2 A1AYK B . -1.44 1.90 2.83
C1 A1AYK B . -1.47 1.71 4.20
C10 A1AYK B . 0.24 1.30 9.06
C11 A1AYK B . 1.37 1.82 8.18
C3 A1AYK B . -0.27 2.30 2.19
C4 A1AYK B . 0.89 2.48 2.92
C5 A1AYK B . 0.90 2.29 4.28
C6 A1AYK B . -0.27 1.91 4.95
C7 A1AYK B . 0.76 2.62 7.05
C8 A1AYK B . 0.01 3.81 7.58
C9 A1AYK B . -0.30 3.64 9.05
N1 A1AYK B . -2.66 1.32 4.86
O1 A1AYK B . -0.15 1.74 6.30
O2 A1AYK B . -0.74 2.31 9.32
#